data_4AXB
#
_entry.id   4AXB
#
_cell.length_a   155.950
_cell.length_b   155.950
_cell.length_c   127.900
_cell.angle_alpha   90.00
_cell.angle_beta   90.00
_cell.angle_gamma   90.00
#
_symmetry.space_group_name_H-M   'I 4 2 2'
#
loop_
_entity.id
_entity.type
_entity.pdbx_description
1 polymer CHOLINESTERASE
2 branched 2-acetamido-2-deoxy-beta-D-glucopyranose-(1-4)-[beta-L-fucopyranose-(1-6)]2-acetamido-2-deoxy-beta-D-glucopyranose
3 non-polymer 'POTASSIUM ION'
4 non-polymer 'SULFATE ION'
5 non-polymer GLYCEROL
6 non-polymer 'CHLORIDE ION'
7 non-polymer N-hydroxy-1-(1-methylpyridin-2(1H)-ylidene)methanamine
8 non-polymer 2-acetamido-2-deoxy-beta-D-glucopyranose
9 water water
#
_entity_poly.entity_id   1
_entity_poly.type   'polypeptide(L)'
_entity_poly.pdbx_seq_one_letter_code
;DIIIATKNGKVRGMQLTVFGGTVTAFLGIPYAQPPLGRLRFKKPQSLTKWSDIWNATKYANSCCQNIDQSFPGFHGSEMW
NPNTDLSEDCLYLNVWIPAPKPKNATVLIWIYGGGFQTGTSSLHVYDGKFLARVERVIVVSMNYRVGALGFLALPGNPEA
PGNMGLFDQQLALQWVQKNIAAFGGNPKSVTLFGE(SBG)AGAASVSLHLLSPGSHSLFTRAILQSGSFNAPWAVTSLYE
ARNRTLNLAKLTGCSRENETEIIKCLRNKDPQEILLNEAFVVPYGTPLSVNFGPTVDGDFLTDMPDILLELGQFKKTQIL
VGVNKDEGTAFLVYGAPGFSKDNNSIITRKEFQEGLKIFFPGVSEFGKESILFHYTDWVDDQRPEQYREALGDVVGDYNF
ICPALEFTKKFSEWGNNAFFYYFEHRSSKLPWPEWMGVMHGYEIEFVFGLPLERRDQYTKAEEILSRSIVKRWANFAKYG
NPQETQNNSTSWPVFKSTEQKYLTLNTESTRIMTKLRAQQCRFWTSFFPKV
;
_entity_poly.pdbx_strand_id   A
#
loop_
_chem_comp.id
_chem_comp.type
_chem_comp.name
_chem_comp.formula
CL non-polymer 'CHLORIDE ION' 'Cl -1'
FP1 non-polymer N-hydroxy-1-(1-methylpyridin-2(1H)-ylidene)methanamine 'C7 H10 N2 O'
FUL L-saccharide, beta linking beta-L-fucopyranose 'C6 H12 O5'
GOL non-polymer GLYCEROL 'C3 H8 O3'
K non-polymer 'POTASSIUM ION' 'K 1'
NAG D-saccharide, beta linking 2-acetamido-2-deoxy-beta-D-glucopyranose 'C8 H15 N O6'
SBG non-polymer O-[(S)-HYDROXY(METHYL)PHOSPHORYL]-L-SERINE 'C4 H10 N O5 P'
SO4 non-polymer 'SULFATE ION' 'O4 S -2'
#
# COMPACT_ATOMS: atom_id res chain seq x y z
N ASP A 1 17.54 28.36 10.82
CA ASP A 1 16.86 27.55 11.89
C ASP A 1 15.34 27.60 11.77
N ILE A 2 14.66 26.50 11.45
CA ILE A 2 13.16 26.53 11.43
C ILE A 2 12.54 25.72 12.56
N ILE A 3 11.88 26.39 13.51
CA ILE A 3 11.34 25.72 14.67
C ILE A 3 9.85 25.95 14.68
N ILE A 4 9.11 24.88 14.97
CA ILE A 4 7.66 24.93 14.94
C ILE A 4 7.15 24.40 16.28
N ALA A 5 6.27 25.13 16.94
CA ALA A 5 5.75 24.69 18.24
C ALA A 5 4.55 23.77 18.03
N THR A 6 4.66 22.50 18.44
CA THR A 6 3.54 21.53 18.31
C THR A 6 2.85 21.33 19.66
N LYS A 7 1.74 20.57 19.71
CA LYS A 7 1.07 20.35 20.99
C LYS A 7 1.99 19.68 22.04
N ASN A 8 3.01 18.94 21.60
CA ASN A 8 3.87 18.16 22.50
C ASN A 8 5.26 18.72 22.65
N GLY A 9 5.55 19.76 21.92
CA GLY A 9 6.86 20.32 22.04
C GLY A 9 7.29 20.97 20.78
N LYS A 10 8.45 21.59 20.89
CA LYS A 10 9.12 22.20 19.79
C LYS A 10 9.82 21.14 18.88
N VAL A 11 9.67 21.28 17.58
CA VAL A 11 10.52 20.56 16.66
C VAL A 11 11.34 21.49 15.72
N ARG A 12 12.61 21.14 15.53
CA ARG A 12 13.51 21.77 14.54
C ARG A 12 13.59 20.93 13.24
N GLY A 13 13.43 21.58 12.09
CA GLY A 13 13.61 20.94 10.78
C GLY A 13 14.94 21.27 10.11
N MET A 14 15.08 20.81 8.87
CA MET A 14 16.23 21.19 8.05
C MET A 14 15.75 21.69 6.69
N GLN A 15 16.56 22.51 6.04
CA GLN A 15 16.20 23.08 4.73
C GLN A 15 16.86 22.28 3.65
N LEU A 16 16.19 22.18 2.52
CA LEU A 16 16.71 21.38 1.43
C LEU A 16 16.49 22.19 0.21
N THR A 17 17.46 22.12 -0.67
CA THR A 17 17.36 22.74 -1.99
C THR A 17 16.79 21.70 -2.97
N VAL A 18 15.72 22.09 -3.64
CA VAL A 18 15.04 21.26 -4.62
C VAL A 18 14.65 22.18 -5.77
N PHE A 19 15.11 21.85 -6.97
CA PHE A 19 14.80 22.59 -8.21
C PHE A 19 14.90 24.13 -8.09
N GLY A 20 16.06 24.59 -7.67
CA GLY A 20 16.27 26.01 -7.41
C GLY A 20 15.42 26.61 -6.32
N GLY A 21 14.72 25.80 -5.52
CA GLY A 21 13.85 26.33 -4.45
C GLY A 21 14.19 25.75 -3.08
N THR A 22 13.35 25.90 -2.08
CA THR A 22 13.63 25.37 -0.77
C THR A 22 12.38 24.63 -0.28
N VAL A 23 12.60 23.49 0.37
CA VAL A 23 11.60 22.73 1.09
C VAL A 23 12.16 22.54 2.51
N THR A 24 11.31 22.65 3.54
CA THR A 24 11.75 22.30 4.90
C THR A 24 11.24 20.88 5.27
N ALA A 25 12.18 20.06 5.74
CA ALA A 25 11.87 18.67 6.03
C ALA A 25 11.97 18.55 7.55
N PHE A 26 10.93 17.96 8.13
CA PHE A 26 10.96 17.46 9.53
C PHE A 26 10.90 15.93 9.47
N LEU A 27 12.02 15.30 9.67
CA LEU A 27 12.10 13.84 9.57
C LEU A 27 12.21 13.20 10.94
N GLY A 28 11.36 12.20 11.24
CA GLY A 28 11.43 11.45 12.52
C GLY A 28 10.81 12.18 13.71
N ILE A 29 9.57 12.69 13.60
CA ILE A 29 8.95 13.34 14.74
C ILE A 29 8.17 12.19 15.41
N PRO A 30 8.30 12.04 16.75
CA PRO A 30 7.52 10.92 17.35
C PRO A 30 6.05 11.29 17.43
N TYR A 31 5.18 10.29 17.36
CA TYR A 31 3.77 10.56 17.42
C TYR A 31 3.04 9.61 18.38
N ALA A 32 3.75 8.75 19.12
CA ALA A 32 3.14 7.86 20.16
C ALA A 32 4.21 7.36 21.16
N GLN A 33 3.80 6.87 22.33
CA GLN A 33 4.79 6.20 23.20
C GLN A 33 5.37 5.01 22.47
N PRO A 34 6.73 4.77 22.56
CA PRO A 34 7.39 3.58 21.99
C PRO A 34 6.71 2.24 22.46
N PRO A 35 6.27 1.40 21.52
CA PRO A 35 5.46 0.28 21.96
C PRO A 35 6.31 -0.89 22.51
N LEU A 36 6.92 -0.68 23.66
CA LEU A 36 7.94 -1.58 24.23
C LEU A 36 7.50 -2.19 25.52
N GLY A 37 8.12 -3.30 25.88
CA GLY A 37 7.88 -3.92 27.18
C GLY A 37 6.43 -4.28 27.33
N ARG A 38 5.77 -3.80 28.39
CA ARG A 38 4.31 -4.06 28.54
C ARG A 38 3.44 -3.55 27.38
N LEU A 39 3.92 -2.56 26.60
CA LEU A 39 3.16 -2.02 25.46
C LEU A 39 3.22 -2.79 24.13
N ARG A 40 4.12 -3.78 24.03
CA ARG A 40 4.16 -4.56 22.84
C ARG A 40 2.84 -5.28 22.61
N PHE A 41 2.35 -5.25 21.37
CA PHE A 41 1.05 -5.89 20.93
C PHE A 41 -0.23 -5.09 21.24
N LYS A 42 -0.08 -3.97 21.93
CA LYS A 42 -1.19 -3.13 22.31
C LYS A 42 -1.32 -1.93 21.37
N LYS A 43 -2.53 -1.39 21.38
CA LYS A 43 -2.88 -0.17 20.76
C LYS A 43 -1.78 0.88 21.10
N PRO A 44 -1.49 1.82 20.16
CA PRO A 44 -0.47 2.83 20.44
C PRO A 44 -1.05 3.77 21.52
N GLN A 45 -0.20 4.18 22.46
CA GLN A 45 -0.60 5.12 23.53
C GLN A 45 -0.14 6.54 23.16
N SER A 46 -0.91 7.52 23.61
CA SER A 46 -0.64 8.93 23.29
C SER A 46 0.68 9.43 23.92
N LEU A 47 1.30 10.40 23.22
CA LEU A 47 2.62 10.91 23.57
C LEU A 47 2.60 11.82 24.81
N THR A 48 3.54 11.53 25.71
CA THR A 48 3.60 12.12 27.06
C THR A 48 3.97 13.57 26.96
N LYS A 49 4.85 13.90 26.00
CA LYS A 49 5.31 15.28 25.71
C LYS A 49 6.68 15.70 26.31
N TRP A 50 7.39 16.56 25.59
CA TRP A 50 8.79 16.91 25.92
C TRP A 50 8.89 18.42 26.06
N SER A 51 9.79 18.82 26.96
CA SER A 51 10.25 20.19 27.04
C SER A 51 11.60 20.17 26.34
N ASP A 52 12.01 21.30 25.75
CA ASP A 52 13.19 21.39 24.83
C ASP A 52 12.83 21.14 23.34
N ILE A 53 13.85 21.19 22.49
CA ILE A 53 13.71 21.06 21.04
C ILE A 53 14.00 19.65 20.52
N TRP A 54 12.99 19.02 19.89
CA TRP A 54 13.21 17.76 19.23
C TRP A 54 13.79 18.01 17.85
N ASN A 55 15.00 17.51 17.63
CA ASN A 55 15.67 17.60 16.32
C ASN A 55 15.07 16.59 15.31
N ALA A 56 14.33 17.09 14.31
CA ALA A 56 13.73 16.23 13.30
C ALA A 56 14.52 16.32 12.01
N THR A 57 15.76 15.87 12.07
CA THR A 57 16.74 16.14 11.01
C THR A 57 17.26 14.86 10.34
N LYS A 58 16.73 13.70 10.72
CA LYS A 58 17.12 12.44 10.05
C LYS A 58 15.97 11.46 10.15
N TYR A 59 15.88 10.57 9.16
CA TYR A 59 14.87 9.52 9.22
C TYR A 59 14.98 8.71 10.49
N ALA A 60 13.85 8.40 11.12
CA ALA A 60 13.87 7.52 12.31
C ALA A 60 14.02 6.01 12.01
N ASN A 61 14.19 5.23 13.07
CA ASN A 61 14.09 3.78 13.00
C ASN A 61 12.88 3.28 12.21
N SER A 62 13.08 2.34 11.30
CA SER A 62 12.03 1.56 10.67
C SER A 62 11.56 0.44 11.64
N CYS A 63 10.29 0.03 11.58
CA CYS A 63 9.77 -1.04 12.44
C CYS A 63 10.42 -2.43 12.18
N CYS A 64 10.47 -3.26 13.23
CA CYS A 64 10.94 -4.63 13.09
C CYS A 64 10.25 -5.35 11.92
N GLN A 65 11.03 -6.04 11.09
CA GLN A 65 10.49 -6.73 9.92
C GLN A 65 11.52 -7.73 9.33
N ASN A 66 11.03 -8.81 8.72
CA ASN A 66 11.88 -9.64 7.86
C ASN A 66 12.26 -8.89 6.61
N ILE A 67 13.40 -9.23 6.09
CA ILE A 67 13.93 -8.52 4.95
C ILE A 67 13.95 -9.41 3.71
N ASP A 68 13.79 -8.84 2.51
CA ASP A 68 13.98 -9.59 1.26
C ASP A 68 15.49 -9.92 0.98
N GLN A 69 15.88 -11.20 1.05
CA GLN A 69 17.21 -11.66 0.68
C GLN A 69 17.24 -12.64 -0.46
N SER A 70 16.20 -12.66 -1.29
CA SER A 70 16.26 -13.47 -2.52
C SER A 70 17.32 -13.00 -3.55
N PHE A 71 17.60 -11.70 -3.65
CA PHE A 71 18.64 -11.29 -4.63
C PHE A 71 19.65 -10.28 -4.06
N PRO A 72 20.54 -10.74 -3.16
CA PRO A 72 21.55 -9.82 -2.53
C PRO A 72 22.32 -9.08 -3.62
N GLY A 73 22.53 -7.79 -3.44
CA GLY A 73 23.24 -6.93 -4.42
C GLY A 73 22.44 -6.39 -5.61
N PHE A 74 21.20 -6.86 -5.76
CA PHE A 74 20.33 -6.46 -6.86
C PHE A 74 19.39 -5.34 -6.44
N HIS A 75 19.47 -4.20 -7.13
CA HIS A 75 18.72 -2.99 -6.77
C HIS A 75 17.18 -3.14 -6.83
N GLY A 76 16.69 -4.00 -7.72
CA GLY A 76 15.26 -4.17 -7.94
C GLY A 76 14.57 -4.72 -6.71
N SER A 77 15.26 -5.57 -5.92
CA SER A 77 14.65 -6.07 -4.70
C SER A 77 15.06 -5.22 -3.51
N GLU A 78 16.32 -4.85 -3.50
CA GLU A 78 16.86 -4.17 -2.32
C GLU A 78 16.40 -2.70 -2.17
N MET A 79 16.04 -2.02 -3.27
CA MET A 79 15.30 -0.71 -3.14
C MET A 79 14.07 -0.76 -2.17
N TRP A 80 13.54 -1.95 -1.91
CA TRP A 80 12.37 -2.06 -1.05
C TRP A 80 12.65 -2.39 0.45
N ASN A 81 13.87 -2.83 0.74
CA ASN A 81 14.36 -3.11 2.08
C ASN A 81 14.63 -1.86 2.87
N PRO A 82 14.48 -1.93 4.18
CA PRO A 82 14.57 -0.74 5.01
C PRO A 82 15.94 -0.12 4.85
N ASN A 83 16.00 1.22 4.89
CA ASN A 83 17.30 1.93 4.82
C ASN A 83 17.59 2.70 6.13
N THR A 84 16.90 2.33 7.23
CA THR A 84 17.27 2.78 8.58
C THR A 84 17.19 1.57 9.50
N ASP A 85 17.92 1.61 10.64
CA ASP A 85 17.89 0.59 11.66
C ASP A 85 16.49 0.12 12.00
N LEU A 86 16.33 -1.18 12.18
CA LEU A 86 15.09 -1.73 12.69
C LEU A 86 15.07 -1.67 14.19
N SER A 87 13.92 -1.40 14.76
CA SER A 87 13.78 -1.27 16.17
C SER A 87 12.26 -1.36 16.47
N GLU A 88 11.92 -1.94 17.60
CA GLU A 88 10.50 -1.81 18.05
C GLU A 88 10.19 -0.34 18.30
N ASP A 89 11.23 0.48 18.41
CA ASP A 89 11.02 1.90 18.71
C ASP A 89 10.96 2.67 17.38
N CYS A 90 9.77 2.72 16.75
CA CYS A 90 9.67 3.06 15.33
C CYS A 90 8.45 3.95 14.98
N LEU A 91 7.75 4.42 15.98
CA LEU A 91 6.50 5.13 15.69
C LEU A 91 6.83 6.64 15.51
N TYR A 92 7.28 6.98 14.31
CA TYR A 92 7.69 8.31 13.95
C TYR A 92 7.02 8.63 12.61
N LEU A 93 6.94 9.93 12.33
CA LEU A 93 6.47 10.46 11.03
C LEU A 93 7.35 11.59 10.50
N ASN A 94 7.11 11.95 9.25
CA ASN A 94 7.90 12.92 8.49
C ASN A 94 6.96 13.96 7.90
N VAL A 95 7.43 15.22 7.83
CA VAL A 95 6.64 16.35 7.24
C VAL A 95 7.51 17.17 6.25
N TRP A 96 7.02 17.36 5.03
CA TRP A 96 7.72 18.22 4.10
C TRP A 96 6.76 19.37 3.90
N ILE A 97 7.27 20.59 4.11
CA ILE A 97 6.53 21.78 3.82
C ILE A 97 7.22 22.67 2.75
N PRO A 98 6.44 23.38 1.93
CA PRO A 98 7.08 24.31 0.96
C PRO A 98 7.76 25.48 1.72
N ALA A 99 8.77 26.14 1.12
CA ALA A 99 9.34 27.40 1.64
C ALA A 99 9.05 28.48 0.62
N PRO A 100 8.45 29.58 1.04
CA PRO A 100 8.18 29.85 2.44
C PRO A 100 6.95 29.08 2.90
N LYS A 101 6.87 28.86 4.21
CA LYS A 101 5.69 28.36 4.89
C LYS A 101 4.35 28.80 4.24
N PRO A 102 3.53 27.84 3.82
CA PRO A 102 2.27 28.10 3.13
C PRO A 102 1.27 28.61 4.13
N LYS A 103 0.14 29.09 3.64
CA LYS A 103 -0.86 29.65 4.51
C LYS A 103 -1.91 28.60 4.94
N ASN A 104 -2.42 27.81 4.00
CA ASN A 104 -3.45 26.85 4.39
C ASN A 104 -3.42 25.69 3.37
N ALA A 105 -2.26 25.06 3.26
CA ALA A 105 -2.01 24.05 2.22
C ALA A 105 -2.76 22.74 2.47
N THR A 106 -3.24 22.18 1.39
CA THR A 106 -3.64 20.78 1.37
C THR A 106 -2.51 19.86 1.79
N VAL A 107 -2.94 18.78 2.46
CA VAL A 107 -2.07 17.78 3.04
C VAL A 107 -2.25 16.41 2.35
N LEU A 108 -1.14 15.83 1.89
CA LEU A 108 -1.06 14.48 1.33
C LEU A 108 -0.38 13.57 2.36
N ILE A 109 -1.06 12.47 2.73
CA ILE A 109 -0.53 11.54 3.76
C ILE A 109 -0.34 10.19 3.15
N TRP A 110 0.92 9.77 3.07
CA TRP A 110 1.34 8.50 2.43
C TRP A 110 1.33 7.33 3.44
N ILE A 111 0.75 6.21 3.03
CA ILE A 111 0.80 4.96 3.79
C ILE A 111 1.47 3.91 2.91
N TYR A 112 2.71 3.51 3.22
CA TYR A 112 3.47 2.50 2.42
C TYR A 112 2.84 1.11 2.44
N GLY A 113 3.10 0.33 1.40
CA GLY A 113 2.78 -1.11 1.38
C GLY A 113 3.97 -1.99 1.78
N GLY A 114 3.84 -3.29 1.50
CA GLY A 114 4.78 -4.30 2.01
C GLY A 114 4.00 -5.49 2.57
N GLY A 115 2.79 -5.72 2.04
CA GLY A 115 2.00 -6.89 2.51
C GLY A 115 1.59 -6.87 3.98
N PHE A 116 1.59 -5.69 4.63
CA PHE A 116 1.51 -5.59 6.12
C PHE A 116 2.63 -6.32 6.92
N GLN A 117 3.64 -6.86 6.24
CA GLN A 117 4.76 -7.59 6.89
C GLN A 117 6.03 -6.74 6.80
N THR A 118 6.09 -5.82 5.86
CA THR A 118 7.28 -5.07 5.64
C THR A 118 6.96 -3.61 5.28
N GLY A 119 8.04 -2.83 5.11
CA GLY A 119 7.97 -1.50 4.55
C GLY A 119 8.47 -0.38 5.47
N THR A 120 8.70 0.81 4.92
CA THR A 120 9.09 1.87 5.81
C THR A 120 8.88 3.19 5.08
N SER A 121 8.66 4.26 5.81
CA SER A 121 8.38 5.54 5.13
C SER A 121 9.66 6.27 4.59
N SER A 122 10.86 5.81 4.95
CA SER A 122 12.12 6.52 4.55
C SER A 122 12.70 6.09 3.21
N LEU A 123 12.00 5.27 2.43
CA LEU A 123 12.53 4.78 1.18
C LEU A 123 12.64 5.97 0.26
N HIS A 124 13.63 5.88 -0.62
CA HIS A 124 13.90 6.91 -1.61
C HIS A 124 12.64 7.21 -2.52
N VAL A 125 11.90 6.18 -2.93
CA VAL A 125 10.75 6.37 -3.82
C VAL A 125 9.52 7.00 -3.09
N TYR A 126 9.65 7.24 -1.78
CA TYR A 126 8.56 7.91 -1.02
C TYR A 126 8.97 9.33 -0.56
N ASP A 127 10.03 9.85 -1.13
CA ASP A 127 10.56 11.11 -0.65
C ASP A 127 9.59 12.26 -1.06
N GLY A 128 8.95 12.92 -0.09
CA GLY A 128 7.98 13.97 -0.38
C GLY A 128 8.46 15.39 -0.77
N LYS A 129 9.77 15.57 -0.93
CA LYS A 129 10.28 16.91 -1.17
C LYS A 129 9.85 17.45 -2.56
N PHE A 130 9.68 16.58 -3.56
CA PHE A 130 9.32 17.05 -4.90
C PHE A 130 7.91 17.53 -4.92
N LEU A 131 6.95 16.77 -4.37
CA LEU A 131 5.54 17.24 -4.24
C LEU A 131 5.37 18.59 -3.52
N ALA A 132 6.11 18.77 -2.43
CA ALA A 132 6.06 20.05 -1.70
C ALA A 132 6.62 21.20 -2.60
N ARG A 133 7.80 20.96 -3.18
CA ARG A 133 8.39 21.96 -4.01
C ARG A 133 7.47 22.34 -5.19
N VAL A 134 7.01 21.32 -5.94
CA VAL A 134 6.36 21.55 -7.24
C VAL A 134 4.90 21.99 -7.13
N GLU A 135 4.14 21.38 -6.22
CA GLU A 135 2.69 21.59 -6.08
C GLU A 135 2.31 22.43 -4.81
N ARG A 136 3.31 22.76 -3.99
CA ARG A 136 3.10 23.46 -2.70
C ARG A 136 2.03 22.73 -1.83
N VAL A 137 1.95 21.41 -1.90
CA VAL A 137 1.25 20.63 -0.87
C VAL A 137 2.14 20.35 0.33
N ILE A 138 1.56 20.05 1.48
CA ILE A 138 2.34 19.45 2.56
C ILE A 138 2.21 17.91 2.44
N VAL A 139 3.32 17.19 2.59
CA VAL A 139 3.33 15.72 2.53
C VAL A 139 3.73 15.13 3.89
N VAL A 140 2.93 14.21 4.41
CA VAL A 140 3.21 13.54 5.66
C VAL A 140 3.27 12.03 5.37
N SER A 141 4.17 11.32 6.08
CA SER A 141 4.31 9.87 6.00
C SER A 141 4.65 9.32 7.39
N MET A 142 4.14 8.13 7.76
CA MET A 142 4.37 7.56 9.08
C MET A 142 4.88 6.12 8.97
N ASN A 143 5.76 5.73 9.88
CA ASN A 143 6.02 4.32 10.08
C ASN A 143 4.91 3.70 10.94
N TYR A 144 4.48 2.49 10.59
CA TYR A 144 3.48 1.83 11.45
C TYR A 144 3.94 0.40 11.63
N ARG A 145 3.53 -0.28 12.70
CA ARG A 145 3.97 -1.63 13.01
C ARG A 145 3.47 -2.67 12.03
N VAL A 146 4.31 -3.68 11.71
CA VAL A 146 4.04 -4.72 10.71
C VAL A 146 4.30 -6.14 11.30
N GLY A 147 3.90 -7.17 10.56
CA GLY A 147 4.05 -8.56 10.99
C GLY A 147 3.34 -8.82 12.28
N ALA A 148 3.74 -9.84 13.00
CA ALA A 148 3.06 -10.13 14.27
C ALA A 148 3.07 -8.89 15.19
N LEU A 149 4.14 -8.13 15.18
CA LEU A 149 4.17 -7.02 16.13
C LEU A 149 3.09 -5.95 15.87
N GLY A 150 2.61 -5.84 14.62
CA GLY A 150 1.48 -4.96 14.25
C GLY A 150 0.12 -5.65 14.17
N PHE A 151 0.05 -6.96 13.97
CA PHE A 151 -1.27 -7.54 13.64
C PHE A 151 -1.65 -8.85 14.39
N LEU A 152 -0.78 -9.30 15.31
CA LEU A 152 -1.13 -10.44 16.14
C LEU A 152 -2.57 -10.21 16.73
N ALA A 153 -3.42 -11.21 16.57
CA ALA A 153 -4.78 -11.08 17.06
C ALA A 153 -5.18 -12.30 17.91
N LEU A 154 -5.75 -11.95 19.05
CA LEU A 154 -6.47 -12.84 19.90
C LEU A 154 -7.79 -12.04 20.06
N PRO A 155 -8.74 -12.22 19.13
CA PRO A 155 -9.79 -11.16 19.06
C PRO A 155 -10.58 -11.00 20.36
N GLY A 156 -10.81 -9.73 20.75
CA GLY A 156 -11.52 -9.42 22.00
C GLY A 156 -10.67 -9.13 23.24
N ASN A 157 -9.37 -9.39 23.15
CA ASN A 157 -8.44 -9.29 24.28
C ASN A 157 -7.45 -8.12 24.12
N PRO A 158 -7.59 -7.05 24.95
CA PRO A 158 -6.83 -5.80 24.68
C PRO A 158 -5.31 -5.96 24.84
N GLU A 159 -4.87 -7.10 25.35
CA GLU A 159 -3.44 -7.37 25.43
C GLU A 159 -2.90 -7.63 24.03
N ALA A 160 -3.80 -8.07 23.14
CA ALA A 160 -3.42 -8.35 21.73
C ALA A 160 -4.66 -8.31 20.81
N PRO A 161 -5.19 -7.09 20.56
CA PRO A 161 -6.57 -7.04 20.02
C PRO A 161 -6.65 -7.21 18.49
N GLY A 162 -5.50 -7.16 17.81
CA GLY A 162 -5.46 -7.08 16.36
C GLY A 162 -5.39 -5.63 15.89
N ASN A 163 -4.91 -5.43 14.66
CA ASN A 163 -5.04 -4.15 13.97
C ASN A 163 -4.17 -3.05 14.60
N MET A 164 -3.20 -3.38 15.45
CA MET A 164 -2.33 -2.34 16.04
C MET A 164 -1.68 -1.39 15.03
N GLY A 165 -1.20 -1.95 13.90
CA GLY A 165 -0.62 -1.09 12.85
C GLY A 165 -1.60 -0.08 12.18
N LEU A 166 -2.85 -0.52 12.00
CA LEU A 166 -3.94 0.37 11.58
C LEU A 166 -4.19 1.46 12.65
N PHE A 167 -4.29 1.08 13.93
CA PHE A 167 -4.38 2.13 14.99
C PHE A 167 -3.14 3.07 15.00
N ASP A 168 -1.96 2.54 14.71
CA ASP A 168 -0.75 3.35 14.53
C ASP A 168 -1.00 4.42 13.46
N GLN A 169 -1.39 4.00 12.25
CA GLN A 169 -1.77 4.94 11.21
C GLN A 169 -2.85 5.94 11.70
N GLN A 170 -3.87 5.45 12.41
CA GLN A 170 -4.98 6.33 12.81
C GLN A 170 -4.45 7.39 13.78
N LEU A 171 -3.59 6.98 14.71
CA LEU A 171 -2.99 7.91 15.64
C LEU A 171 -2.12 8.94 14.91
N ALA A 172 -1.40 8.57 13.86
CA ALA A 172 -0.72 9.59 13.03
C ALA A 172 -1.69 10.58 12.32
N LEU A 173 -2.88 10.09 11.95
CA LEU A 173 -3.90 10.96 11.35
C LEU A 173 -4.37 12.01 12.34
N GLN A 174 -4.53 11.61 13.59
CA GLN A 174 -4.97 12.52 14.65
CA GLN A 174 -4.99 12.54 14.61
C GLN A 174 -3.92 13.58 14.86
N TRP A 175 -2.67 13.17 14.69
CA TRP A 175 -1.52 14.05 14.93
C TRP A 175 -1.57 15.16 13.88
N VAL A 176 -1.88 14.79 12.65
CA VAL A 176 -2.06 15.76 11.62
C VAL A 176 -3.23 16.69 11.97
N GLN A 177 -4.36 16.15 12.46
CA GLN A 177 -5.50 17.02 12.77
C GLN A 177 -5.11 18.01 13.85
N LYS A 178 -4.44 17.54 14.89
CA LYS A 178 -4.09 18.43 16.01
C LYS A 178 -2.97 19.44 15.70
N ASN A 179 -1.97 19.09 14.86
CA ASN A 179 -0.75 19.88 14.74
C ASN A 179 -0.43 20.50 13.39
N ILE A 180 -1.11 20.13 12.32
CA ILE A 180 -0.59 20.54 11.02
C ILE A 180 -0.80 22.05 10.69
N ALA A 181 -1.80 22.70 11.29
CA ALA A 181 -2.03 24.13 11.00
C ALA A 181 -0.77 24.92 11.42
N ALA A 182 -0.01 24.38 12.38
CA ALA A 182 1.20 25.05 12.87
C ALA A 182 2.37 25.03 11.88
N PHE A 183 2.27 24.13 10.91
CA PHE A 183 3.22 23.94 9.82
C PHE A 183 2.68 24.57 8.57
N GLY A 184 1.52 25.28 8.70
CA GLY A 184 0.84 25.89 7.60
C GLY A 184 -0.12 25.01 6.80
N GLY A 185 -0.54 23.88 7.36
CA GLY A 185 -1.43 22.99 6.64
C GLY A 185 -2.87 23.16 7.08
N ASN A 186 -3.76 22.72 6.22
CA ASN A 186 -5.16 22.80 6.45
C ASN A 186 -5.74 21.40 6.85
N PRO A 187 -5.99 21.18 8.16
CA PRO A 187 -6.44 19.85 8.59
C PRO A 187 -7.81 19.51 7.93
N LYS A 188 -8.48 20.53 7.39
CA LYS A 188 -9.74 20.30 6.68
C LYS A 188 -9.53 19.90 5.23
N SER A 189 -8.26 19.80 4.77
CA SER A 189 -7.99 19.31 3.42
C SER A 189 -6.82 18.29 3.42
N VAL A 190 -7.15 17.07 3.87
CA VAL A 190 -6.24 15.96 3.98
C VAL A 190 -6.63 14.85 3.03
N THR A 191 -5.75 14.47 2.10
CA THR A 191 -6.01 13.29 1.29
C THR A 191 -5.03 12.21 1.69
N LEU A 192 -5.53 10.98 1.95
CA LEU A 192 -4.70 9.81 2.15
C LEU A 192 -4.40 9.22 0.80
N PHE A 193 -3.14 8.72 0.69
CA PHE A 193 -2.72 7.93 -0.46
C PHE A 193 -1.76 6.89 -0.03
N GLY A 194 -1.75 5.74 -0.72
CA GLY A 194 -1.10 4.52 -0.24
C GLY A 194 -1.00 3.60 -1.43
N GLU A 195 -0.02 2.68 -1.43
CA GLU A 195 0.09 1.67 -2.48
C GLU A 195 0.06 0.23 -1.90
N SBG A 196 -0.60 -0.68 -2.63
CA SBG A 196 -0.72 -2.11 -2.21
CB SBG A 196 0.67 -2.79 -2.34
OG SBG A 196 0.58 -4.20 -2.39
C SBG A 196 -1.28 -2.18 -0.79
O SBG A 196 -2.33 -1.61 -0.51
O2 SBG A 196 2.75 -5.11 -2.31
P1 SBG A 196 1.51 -5.17 -1.39
O1 SBG A 196 1.82 -4.56 -0.06
C1 SBG A 196 0.94 -6.79 -1.40
N ALA A 197 -0.60 -2.81 0.16
CA ALA A 197 -1.16 -2.86 1.54
C ALA A 197 -1.47 -1.44 2.09
N GLY A 198 -0.76 -0.47 1.54
CA GLY A 198 -0.96 0.92 1.95
C GLY A 198 -2.31 1.42 1.40
N ALA A 199 -2.62 1.04 0.16
CA ALA A 199 -3.91 1.30 -0.47
C ALA A 199 -5.00 0.47 0.26
N ALA A 200 -4.71 -0.82 0.59
CA ALA A 200 -5.72 -1.58 1.34
C ALA A 200 -6.06 -0.84 2.67
N SER A 201 -5.02 -0.30 3.34
CA SER A 201 -5.19 0.51 4.57
C SER A 201 -6.04 1.73 4.35
N VAL A 202 -5.76 2.48 3.29
CA VAL A 202 -6.59 3.64 2.97
C VAL A 202 -8.06 3.20 2.83
N SER A 203 -8.31 2.02 2.23
CA SER A 203 -9.69 1.57 1.97
C SER A 203 -10.39 1.24 3.30
N LEU A 204 -9.62 0.70 4.24
CA LEU A 204 -10.18 0.36 5.58
C LEU A 204 -10.44 1.62 6.40
N HIS A 205 -9.64 2.68 6.24
CA HIS A 205 -9.93 3.95 6.90
C HIS A 205 -11.24 4.53 6.36
N LEU A 206 -11.57 4.29 5.09
CA LEU A 206 -12.87 4.73 4.60
C LEU A 206 -13.97 4.01 5.32
N LEU A 207 -13.69 2.83 5.85
CA LEU A 207 -14.74 2.03 6.50
C LEU A 207 -14.74 2.22 7.98
N SER A 208 -13.66 2.74 8.55
CA SER A 208 -13.57 2.84 10.01
C SER A 208 -14.17 4.12 10.55
N PRO A 209 -15.21 4.00 11.37
CA PRO A 209 -15.89 5.22 11.93
C PRO A 209 -14.92 6.18 12.67
N GLY A 210 -13.95 5.65 13.43
CA GLY A 210 -12.91 6.46 14.05
C GLY A 210 -11.97 7.18 13.07
N SER A 211 -11.98 6.84 11.77
CA SER A 211 -11.16 7.56 10.82
C SER A 211 -11.96 8.63 10.09
N HIS A 212 -13.28 8.56 10.13
CA HIS A 212 -14.18 9.39 9.34
CA HIS A 212 -14.08 9.35 9.22
C HIS A 212 -13.78 10.85 9.38
N SER A 213 -13.50 11.35 10.58
CA SER A 213 -13.25 12.80 10.70
C SER A 213 -11.82 13.19 10.62
N LEU A 214 -10.91 12.25 10.31
CA LEU A 214 -9.47 12.50 10.22
C LEU A 214 -8.97 12.70 8.79
N PHE A 215 -9.87 12.77 7.80
CA PHE A 215 -9.41 13.01 6.43
C PHE A 215 -10.53 13.44 5.47
N THR A 216 -10.17 14.02 4.35
CA THR A 216 -11.12 14.48 3.41
C THR A 216 -11.38 13.47 2.26
N ARG A 217 -10.31 13.06 1.56
CA ARG A 217 -10.51 12.06 0.54
C ARG A 217 -9.42 11.04 0.38
N ALA A 218 -9.59 10.15 -0.61
CA ALA A 218 -8.68 9.03 -0.70
C ALA A 218 -8.26 8.59 -2.11
N ILE A 219 -7.02 8.13 -2.16
CA ILE A 219 -6.30 7.66 -3.36
C ILE A 219 -5.78 6.20 -3.12
N LEU A 220 -6.19 5.25 -3.95
CA LEU A 220 -5.81 3.85 -3.77
C LEU A 220 -4.99 3.28 -4.95
N GLN A 221 -3.65 3.16 -4.80
CA GLN A 221 -2.73 2.57 -5.82
C GLN A 221 -2.46 1.05 -5.66
N SER A 222 -3.04 0.24 -6.58
CA SER A 222 -2.83 -1.23 -6.56
C SER A 222 -3.17 -1.86 -5.21
N GLY A 223 -4.37 -1.65 -4.68
CA GLY A 223 -4.75 -2.41 -3.47
C GLY A 223 -6.08 -1.90 -2.95
N SER A 224 -6.77 -2.74 -2.22
CA SER A 224 -8.05 -2.36 -1.63
C SER A 224 -8.34 -3.51 -0.71
N PHE A 225 -9.15 -3.31 0.34
CA PHE A 225 -9.21 -4.37 1.36
C PHE A 225 -9.89 -5.68 0.89
N ASN A 226 -10.61 -5.67 -0.23
CA ASN A 226 -11.29 -6.89 -0.66
C ASN A 226 -10.38 -7.69 -1.56
N ALA A 227 -9.12 -7.24 -1.72
CA ALA A 227 -8.08 -8.12 -2.32
C ALA A 227 -7.92 -9.39 -1.48
N PRO A 228 -7.78 -10.58 -2.11
CA PRO A 228 -7.74 -11.83 -1.31
C PRO A 228 -6.64 -11.90 -0.23
N TRP A 229 -5.56 -11.11 -0.36
CA TRP A 229 -4.47 -11.16 0.64
C TRP A 229 -4.72 -10.18 1.82
N ALA A 230 -5.78 -9.39 1.80
CA ALA A 230 -5.75 -8.17 2.63
C ALA A 230 -6.44 -8.23 4.00
N VAL A 231 -7.30 -9.20 4.24
CA VAL A 231 -7.95 -9.31 5.52
C VAL A 231 -7.85 -10.77 6.02
N THR A 232 -7.23 -10.97 7.16
CA THR A 232 -7.18 -12.29 7.79
C THR A 232 -8.51 -12.59 8.50
N SER A 233 -9.12 -13.73 8.21
CA SER A 233 -10.32 -14.20 8.93
C SER A 233 -10.08 -14.48 10.44
N LEU A 234 -11.12 -14.36 11.22
CA LEU A 234 -11.03 -14.61 12.64
C LEU A 234 -10.44 -15.98 13.00
N TYR A 235 -10.79 -16.98 12.21
CA TYR A 235 -10.33 -18.33 12.36
C TYR A 235 -8.84 -18.43 12.08
N GLU A 236 -8.41 -17.90 10.92
CA GLU A 236 -7.01 -17.95 10.57
C GLU A 236 -6.19 -17.21 11.64
N ALA A 237 -6.71 -16.09 12.12
CA ALA A 237 -5.94 -15.27 13.06
C ALA A 237 -5.61 -16.01 14.36
N ARG A 238 -6.59 -16.75 14.88
CA ARG A 238 -6.38 -17.59 16.06
C ARG A 238 -5.46 -18.79 15.84
N ASN A 239 -5.61 -19.50 14.72
CA ASN A 239 -4.66 -20.57 14.36
C ASN A 239 -3.23 -20.10 14.36
N ARG A 240 -3.05 -18.84 13.91
CA ARG A 240 -1.71 -18.31 13.63
C ARG A 240 -0.98 -17.82 14.87
N THR A 241 -1.72 -17.10 15.71
CA THR A 241 -1.30 -16.73 17.03
C THR A 241 -0.97 -17.98 17.84
N LEU A 242 -1.80 -19.02 17.78
CA LEU A 242 -1.49 -20.25 18.56
C LEU A 242 -0.31 -21.01 18.00
N ASN A 243 -0.18 -21.04 16.66
CA ASN A 243 1.04 -21.65 16.07
C ASN A 243 2.32 -20.91 16.45
N LEU A 244 2.34 -19.58 16.28
CA LEU A 244 3.41 -18.73 16.78
C LEU A 244 3.86 -19.05 18.22
N ALA A 245 2.90 -19.15 19.16
CA ALA A 245 3.12 -19.55 20.58
C ALA A 245 3.86 -20.87 20.65
N LYS A 246 3.28 -21.84 19.97
CA LYS A 246 3.80 -23.17 19.94
C LYS A 246 5.22 -23.06 19.48
N LEU A 247 5.51 -22.33 18.41
CA LEU A 247 6.92 -22.22 17.91
C LEU A 247 7.95 -21.53 18.80
N THR A 248 7.49 -20.67 19.69
CA THR A 248 8.42 -19.88 20.51
C THR A 248 8.41 -20.41 21.95
N GLY A 249 7.70 -21.52 22.16
CA GLY A 249 7.63 -22.15 23.47
C GLY A 249 6.69 -21.41 24.38
N CYS A 250 5.66 -20.79 23.81
CA CYS A 250 4.75 -19.95 24.59
C CYS A 250 3.34 -20.48 24.68
N SER A 251 3.08 -21.69 24.21
CA SER A 251 1.72 -22.25 24.41
C SER A 251 1.38 -22.22 25.92
N ARG A 252 0.21 -21.69 26.27
CA ARG A 252 -0.23 -21.73 27.67
C ARG A 252 -1.66 -22.16 27.64
N GLU A 253 -2.36 -21.87 28.73
CA GLU A 253 -3.73 -22.29 28.97
C GLU A 253 -4.60 -21.04 29.03
N ASN A 254 -4.06 -20.00 29.65
CA ASN A 254 -4.65 -18.68 29.80
C ASN A 254 -4.12 -17.84 28.61
N GLU A 255 -5.02 -17.39 27.74
CA GLU A 255 -4.62 -16.57 26.57
C GLU A 255 -3.75 -15.38 26.96
N THR A 256 -4.05 -14.75 28.09
CA THR A 256 -3.34 -13.58 28.55
C THR A 256 -1.92 -13.98 28.95
N GLU A 257 -1.77 -15.24 29.36
CA GLU A 257 -0.47 -15.77 29.66
C GLU A 257 0.29 -16.18 28.39
N ILE A 258 -0.41 -16.49 27.32
CA ILE A 258 0.30 -16.54 26.04
C ILE A 258 1.00 -15.19 25.66
N ILE A 259 0.24 -14.10 25.74
CA ILE A 259 0.76 -12.79 25.37
C ILE A 259 1.87 -12.31 26.29
N LYS A 260 1.75 -12.58 27.59
CA LYS A 260 2.78 -12.17 28.55
C LYS A 260 4.11 -12.88 28.19
N CYS A 261 4.03 -14.17 27.85
CA CYS A 261 5.20 -14.95 27.40
C CYS A 261 5.74 -14.36 26.10
N LEU A 262 4.89 -14.19 25.08
CA LEU A 262 5.32 -13.54 23.85
C LEU A 262 5.96 -12.17 24.08
N ARG A 263 5.55 -11.46 25.13
CA ARG A 263 6.22 -10.20 25.41
C ARG A 263 7.61 -10.36 25.98
N ASN A 264 8.01 -11.58 26.37
CA ASN A 264 9.35 -11.74 26.83
C ASN A 264 10.32 -12.18 25.79
N LYS A 265 9.83 -12.49 24.59
CA LYS A 265 10.73 -12.92 23.53
C LYS A 265 11.41 -11.72 22.96
N ASP A 266 12.64 -11.90 22.49
CA ASP A 266 13.29 -10.85 21.73
C ASP A 266 12.71 -10.80 20.33
N PRO A 267 12.72 -9.60 19.71
CA PRO A 267 12.06 -9.42 18.44
C PRO A 267 12.45 -10.44 17.37
N GLN A 268 13.73 -10.85 17.33
CA GLN A 268 14.27 -11.74 16.28
C GLN A 268 13.59 -13.07 16.34
N GLU A 269 13.34 -13.53 17.54
CA GLU A 269 12.70 -14.80 17.67
C GLU A 269 11.25 -14.82 17.20
N ILE A 270 10.51 -13.73 17.41
CA ILE A 270 9.19 -13.58 16.83
C ILE A 270 9.22 -13.55 15.30
N LEU A 271 10.17 -12.80 14.75
CA LEU A 271 10.31 -12.62 13.31
C LEU A 271 10.69 -13.90 12.57
N LEU A 272 11.68 -14.63 13.13
CA LEU A 272 12.14 -15.89 12.59
C LEU A 272 11.01 -16.88 12.48
N ASN A 273 10.08 -16.85 13.44
CA ASN A 273 8.99 -17.84 13.41
C ASN A 273 7.70 -17.44 12.65
N GLU A 274 7.56 -16.15 12.30
CA GLU A 274 6.44 -15.62 11.54
C GLU A 274 6.16 -16.40 10.26
N ALA A 275 7.23 -16.74 9.51
CA ALA A 275 7.09 -17.39 8.22
C ALA A 275 6.41 -18.75 8.34
N PHE A 276 6.56 -19.42 9.49
CA PHE A 276 6.04 -20.81 9.64
C PHE A 276 4.66 -20.94 10.29
N VAL A 277 3.98 -19.83 10.62
CA VAL A 277 2.70 -19.96 11.35
C VAL A 277 1.61 -20.48 10.42
N VAL A 278 1.97 -20.55 9.16
CA VAL A 278 1.10 -20.93 8.08
C VAL A 278 1.60 -22.27 7.51
N PRO A 279 0.68 -23.21 7.29
CA PRO A 279 0.99 -24.56 6.75
C PRO A 279 1.71 -24.49 5.38
N TYR A 280 1.19 -23.67 4.46
CA TYR A 280 1.88 -23.40 3.21
C TYR A 280 1.65 -21.93 2.78
N GLY A 281 2.73 -21.20 2.62
CA GLY A 281 2.58 -19.82 2.16
C GLY A 281 2.67 -19.72 0.66
N THR A 282 2.20 -18.59 0.17
CA THR A 282 2.43 -18.22 -1.21
C THR A 282 3.40 -17.05 -1.18
N PRO A 283 3.90 -16.62 -2.35
CA PRO A 283 4.73 -15.41 -2.40
C PRO A 283 4.00 -14.18 -1.93
N LEU A 284 2.68 -14.23 -1.88
CA LEU A 284 1.95 -13.07 -1.39
C LEU A 284 1.43 -13.40 -0.04
N SER A 285 2.19 -14.09 0.80
CA SER A 285 1.60 -14.50 2.07
C SER A 285 1.51 -13.31 3.04
N VAL A 286 0.34 -13.14 3.66
CA VAL A 286 0.19 -12.09 4.61
C VAL A 286 -0.06 -12.83 5.89
N ASN A 287 1.01 -13.16 6.63
CA ASN A 287 0.78 -14.07 7.76
C ASN A 287 -0.07 -13.37 8.86
N PHE A 288 0.19 -12.07 9.07
CA PHE A 288 -0.46 -11.28 10.09
C PHE A 288 -0.96 -10.01 9.48
N GLY A 289 -2.27 -9.90 9.29
CA GLY A 289 -2.84 -8.70 8.63
C GLY A 289 -4.06 -8.23 9.37
N PRO A 290 -4.79 -7.29 8.79
CA PRO A 290 -6.04 -6.77 9.35
C PRO A 290 -7.03 -7.87 9.76
N THR A 291 -7.84 -7.64 10.81
CA THR A 291 -8.91 -8.54 11.20
C THR A 291 -10.15 -7.76 11.58
N VAL A 292 -11.26 -8.47 11.67
CA VAL A 292 -12.45 -7.89 12.19
C VAL A 292 -12.24 -7.93 13.70
N ASP A 293 -11.88 -6.79 14.27
CA ASP A 293 -11.55 -6.74 15.70
C ASP A 293 -12.74 -6.26 16.57
N GLY A 294 -13.86 -5.89 15.97
CA GLY A 294 -14.91 -5.20 16.78
C GLY A 294 -14.61 -3.73 17.17
N ASP A 295 -13.51 -3.16 16.63
CA ASP A 295 -13.02 -1.86 17.12
C ASP A 295 -12.67 -0.94 15.95
N PHE A 296 -11.49 -1.10 15.35
CA PHE A 296 -11.22 -0.47 14.07
C PHE A 296 -12.25 -0.89 13.01
N LEU A 297 -12.62 -2.15 13.03
CA LEU A 297 -13.43 -2.74 12.01
C LEU A 297 -14.62 -3.45 12.68
N THR A 298 -15.84 -2.95 12.51
CA THR A 298 -16.94 -3.37 13.35
C THR A 298 -17.70 -4.56 12.75
N ASP A 299 -17.45 -4.87 11.49
CA ASP A 299 -18.13 -5.99 10.84
C ASP A 299 -17.23 -6.48 9.68
N MET A 300 -17.56 -7.58 9.03
CA MET A 300 -16.79 -8.05 7.88
C MET A 300 -16.84 -7.00 6.83
N PRO A 301 -15.68 -6.59 6.27
CA PRO A 301 -15.73 -5.40 5.45
C PRO A 301 -16.47 -5.60 4.16
N ASP A 302 -16.57 -6.83 3.66
CA ASP A 302 -17.29 -7.06 2.39
C ASP A 302 -18.74 -6.58 2.60
N ILE A 303 -19.25 -6.85 3.79
CA ILE A 303 -20.64 -6.47 4.16
C ILE A 303 -20.82 -4.94 4.30
N LEU A 304 -19.88 -4.24 4.98
CA LEU A 304 -19.92 -2.75 5.00
C LEU A 304 -19.95 -2.13 3.59
N LEU A 305 -19.02 -2.59 2.76
CA LEU A 305 -18.94 -2.11 1.37
C LEU A 305 -20.25 -2.34 0.64
N GLU A 306 -20.81 -3.56 0.75
CA GLU A 306 -22.02 -3.94 0.00
C GLU A 306 -23.19 -3.04 0.45
N LEU A 307 -23.26 -2.69 1.74
CA LEU A 307 -24.46 -2.06 2.31
C LEU A 307 -24.26 -0.57 2.52
N GLY A 308 -23.15 -0.07 2.01
CA GLY A 308 -23.02 1.41 1.88
C GLY A 308 -22.57 2.06 3.18
N GLN A 309 -21.91 1.33 4.07
CA GLN A 309 -21.45 1.90 5.34
C GLN A 309 -19.99 2.29 5.26
N PHE A 310 -19.70 3.50 4.76
CA PHE A 310 -18.34 3.98 4.66
C PHE A 310 -18.35 5.50 4.45
N LYS A 311 -17.23 6.19 4.63
CA LYS A 311 -17.20 7.63 4.45
C LYS A 311 -17.64 7.97 3.02
N LYS A 312 -18.54 8.92 2.86
CA LYS A 312 -18.96 9.40 1.54
C LYS A 312 -18.05 10.59 1.12
N THR A 313 -17.23 10.38 0.09
CA THR A 313 -16.28 11.37 -0.40
C THR A 313 -15.79 10.88 -1.80
N GLN A 314 -14.81 11.51 -2.41
CA GLN A 314 -14.42 11.13 -3.73
C GLN A 314 -13.26 10.12 -3.60
N ILE A 315 -13.12 9.23 -4.56
CA ILE A 315 -11.93 8.39 -4.58
C ILE A 315 -11.23 8.35 -5.95
N LEU A 316 -9.91 8.13 -5.89
CA LEU A 316 -9.09 7.92 -7.06
C LEU A 316 -8.40 6.51 -6.91
N VAL A 317 -8.64 5.61 -7.86
CA VAL A 317 -8.25 4.20 -7.74
C VAL A 317 -7.55 3.78 -9.05
N GLY A 318 -6.51 2.92 -8.96
CA GLY A 318 -5.86 2.47 -10.20
C GLY A 318 -4.97 1.23 -10.06
N VAL A 319 -4.44 0.73 -11.18
CA VAL A 319 -3.57 -0.45 -11.20
C VAL A 319 -2.60 -0.30 -12.35
N ASN A 320 -1.54 -1.12 -12.31
CA ASN A 320 -0.52 -1.19 -13.29
C ASN A 320 -0.82 -2.37 -14.18
N LYS A 321 -0.27 -2.29 -15.39
CA LYS A 321 -0.53 -3.28 -16.44
C LYS A 321 -0.04 -4.67 -16.09
N ASP A 322 1.10 -4.80 -15.41
CA ASP A 322 1.55 -6.18 -15.11
C ASP A 322 1.74 -6.40 -13.60
N GLU A 323 0.71 -6.11 -12.81
CA GLU A 323 0.74 -6.35 -11.37
C GLU A 323 1.36 -7.70 -10.92
N GLY A 324 1.03 -8.79 -11.60
CA GLY A 324 1.36 -10.12 -11.08
C GLY A 324 2.78 -10.61 -11.30
N THR A 325 3.56 -9.96 -12.19
CA THR A 325 4.84 -10.50 -12.64
C THR A 325 5.95 -10.58 -11.53
N ALA A 326 6.03 -9.54 -10.70
CA ALA A 326 7.04 -9.45 -9.61
C ALA A 326 6.98 -10.74 -8.80
N PHE A 327 5.80 -11.34 -8.69
CA PHE A 327 5.69 -12.43 -7.73
C PHE A 327 6.16 -13.77 -8.29
N LEU A 328 6.28 -13.86 -9.61
CA LEU A 328 6.55 -15.17 -10.23
C LEU A 328 7.95 -15.69 -9.91
N VAL A 329 8.89 -14.80 -9.64
CA VAL A 329 10.26 -15.19 -9.37
C VAL A 329 10.54 -15.45 -7.91
N TYR A 330 9.50 -15.46 -7.08
CA TYR A 330 9.68 -15.83 -5.68
C TYR A 330 9.03 -17.21 -5.46
N GLY A 331 9.11 -18.08 -6.47
CA GLY A 331 8.64 -19.40 -6.20
C GLY A 331 8.08 -20.17 -7.36
N ALA A 332 7.59 -19.50 -8.40
CA ALA A 332 6.98 -20.26 -9.49
C ALA A 332 8.08 -20.94 -10.29
N PRO A 333 7.92 -22.24 -10.58
CA PRO A 333 9.03 -23.02 -11.24
C PRO A 333 9.21 -22.66 -12.71
N GLY A 334 10.44 -22.59 -13.18
CA GLY A 334 10.74 -22.11 -14.53
C GLY A 334 10.96 -20.60 -14.70
N PHE A 335 10.77 -19.82 -13.62
CA PHE A 335 10.90 -18.35 -13.69
C PHE A 335 12.26 -17.88 -13.22
N SER A 336 12.77 -16.82 -13.84
CA SER A 336 14.01 -16.25 -13.36
C SER A 336 14.08 -14.80 -13.81
N LYS A 337 14.59 -13.93 -12.97
CA LYS A 337 14.77 -12.60 -13.43
C LYS A 337 15.96 -12.61 -14.41
N ASP A 338 16.71 -13.71 -14.50
CA ASP A 338 17.92 -13.69 -15.40
C ASP A 338 17.76 -14.39 -16.78
N ASN A 339 16.52 -14.77 -17.13
CA ASN A 339 16.23 -15.31 -18.45
C ASN A 339 14.78 -15.03 -18.81
N ASN A 340 14.39 -15.47 -19.99
CA ASN A 340 13.13 -15.07 -20.56
C ASN A 340 11.91 -15.84 -20.00
N SER A 341 12.16 -16.81 -19.13
CA SER A 341 11.14 -17.51 -18.37
C SER A 341 10.00 -18.11 -19.22
N ILE A 342 10.37 -18.59 -20.41
CA ILE A 342 9.47 -19.39 -21.22
C ILE A 342 9.10 -20.66 -20.42
N ILE A 343 7.85 -20.85 -20.04
CA ILE A 343 7.52 -22.02 -19.24
C ILE A 343 6.59 -22.91 -20.05
N THR A 344 6.51 -24.20 -19.69
CA THR A 344 5.56 -25.12 -20.33
C THR A 344 4.17 -25.15 -19.58
N ARG A 345 3.21 -25.80 -20.21
CA ARG A 345 1.92 -26.06 -19.59
C ARG A 345 2.04 -26.65 -18.20
N LYS A 346 2.99 -27.59 -18.03
CA LYS A 346 3.15 -28.32 -16.78
C LYS A 346 3.63 -27.42 -15.69
N GLU A 347 4.58 -26.55 -16.03
CA GLU A 347 5.12 -25.55 -15.13
C GLU A 347 4.05 -24.55 -14.69
N PHE A 348 3.16 -24.21 -15.64
CA PHE A 348 2.00 -23.34 -15.37
C PHE A 348 1.21 -23.99 -14.28
N GLN A 349 0.92 -25.30 -14.46
CA GLN A 349 0.03 -26.04 -13.55
C GLN A 349 0.64 -26.04 -12.13
N GLU A 350 1.96 -26.23 -12.09
CA GLU A 350 2.72 -26.22 -10.84
C GLU A 350 2.67 -24.82 -10.24
N GLY A 351 2.83 -23.78 -11.05
CA GLY A 351 2.68 -22.40 -10.53
C GLY A 351 1.31 -22.12 -9.92
N LEU A 352 0.25 -22.66 -10.51
CA LEU A 352 -1.07 -22.50 -9.87
C LEU A 352 -1.07 -23.17 -8.50
N LYS A 353 -0.36 -24.29 -8.37
CA LYS A 353 -0.26 -24.95 -7.05
C LYS A 353 0.38 -23.98 -6.03
N ILE A 354 1.42 -23.28 -6.48
CA ILE A 354 2.17 -22.41 -5.61
C ILE A 354 1.34 -21.20 -5.24
N PHE A 355 0.57 -20.66 -6.19
CA PHE A 355 -0.27 -19.50 -5.87
C PHE A 355 -1.65 -19.75 -5.27
N PHE A 356 -2.12 -21.02 -5.30
CA PHE A 356 -3.51 -21.33 -4.94
C PHE A 356 -3.48 -22.64 -4.14
N PRO A 357 -2.68 -22.62 -3.04
CA PRO A 357 -2.41 -23.77 -2.19
C PRO A 357 -3.65 -24.44 -1.57
N GLY A 358 -4.66 -23.71 -1.13
CA GLY A 358 -5.82 -24.46 -0.56
C GLY A 358 -7.01 -24.73 -1.50
N VAL A 359 -6.77 -24.74 -2.82
CA VAL A 359 -7.88 -24.68 -3.77
C VAL A 359 -8.11 -26.09 -4.33
N SER A 360 -9.37 -26.48 -4.51
CA SER A 360 -9.64 -27.80 -5.07
C SER A 360 -8.98 -27.98 -6.46
N GLU A 361 -8.72 -29.22 -6.85
CA GLU A 361 -8.33 -29.49 -8.24
C GLU A 361 -9.28 -28.78 -9.27
N PHE A 362 -10.59 -28.86 -9.07
CA PHE A 362 -11.55 -28.25 -9.98
C PHE A 362 -11.33 -26.71 -10.03
N GLY A 363 -11.01 -26.13 -8.87
CA GLY A 363 -10.77 -24.69 -8.75
C GLY A 363 -9.62 -24.34 -9.66
N LYS A 364 -8.53 -25.09 -9.54
CA LYS A 364 -7.36 -24.88 -10.39
C LYS A 364 -7.61 -25.14 -11.89
N GLU A 365 -8.21 -26.29 -12.25
CA GLU A 365 -8.58 -26.48 -13.66
CA GLU A 365 -8.64 -26.56 -13.64
C GLU A 365 -9.42 -25.31 -14.17
N SER A 366 -10.30 -24.75 -13.35
CA SER A 366 -11.13 -23.65 -13.90
C SER A 366 -10.31 -22.39 -14.28
N ILE A 367 -9.30 -22.10 -13.49
CA ILE A 367 -8.36 -21.05 -13.85
C ILE A 367 -7.62 -21.42 -15.15
N LEU A 368 -7.04 -22.60 -15.20
CA LEU A 368 -6.35 -23.06 -16.40
C LEU A 368 -7.25 -22.83 -17.62
N PHE A 369 -8.51 -23.21 -17.49
CA PHE A 369 -9.50 -23.10 -18.55
C PHE A 369 -9.75 -21.67 -18.98
N HIS A 370 -9.95 -20.78 -18.00
CA HIS A 370 -10.22 -19.35 -18.33
CA HIS A 370 -10.26 -19.42 -18.39
C HIS A 370 -9.03 -18.69 -19.00
N TYR A 371 -7.83 -19.10 -18.62
CA TYR A 371 -6.66 -18.39 -19.09
C TYR A 371 -5.88 -19.05 -20.21
N THR A 372 -6.28 -20.21 -20.69
CA THR A 372 -5.44 -20.84 -21.73
C THR A 372 -6.12 -21.13 -23.06
N ASP A 373 -7.24 -20.48 -23.32
CA ASP A 373 -7.78 -20.55 -24.65
C ASP A 373 -7.07 -19.52 -25.55
N TRP A 374 -5.97 -19.98 -26.11
CA TRP A 374 -5.03 -19.15 -26.82
C TRP A 374 -5.57 -18.50 -28.08
N VAL A 375 -5.23 -17.22 -28.24
CA VAL A 375 -5.42 -16.58 -29.51
C VAL A 375 -4.06 -16.13 -30.04
N ASP A 376 -3.51 -16.91 -30.97
CA ASP A 376 -3.78 -18.35 -31.09
C ASP A 376 -2.46 -19.00 -31.50
N ASP A 377 -1.66 -18.28 -32.34
CA ASP A 377 -0.32 -18.73 -32.77
C ASP A 377 0.13 -19.56 -31.58
N GLN A 378 0.85 -20.67 -31.79
CA GLN A 378 1.62 -21.18 -30.62
C GLN A 378 2.96 -20.45 -30.32
N ARG A 379 2.78 -19.18 -29.95
CA ARG A 379 3.73 -18.33 -29.22
C ARG A 379 4.31 -19.06 -28.00
N PRO A 380 5.65 -19.14 -27.91
CA PRO A 380 6.28 -19.73 -26.71
C PRO A 380 5.99 -19.00 -25.38
N GLU A 381 5.74 -17.69 -25.43
CA GLU A 381 5.49 -16.95 -24.20
C GLU A 381 4.08 -17.10 -23.61
N GLN A 382 3.24 -17.99 -24.19
CA GLN A 382 1.80 -18.10 -23.80
C GLN A 382 1.61 -18.37 -22.32
N TYR A 383 2.26 -19.42 -21.83
CA TYR A 383 2.11 -19.81 -20.44
C TYR A 383 2.72 -18.80 -19.43
N ARG A 384 3.90 -18.27 -19.75
CA ARG A 384 4.55 -17.27 -18.91
C ARG A 384 3.61 -16.06 -18.73
N GLU A 385 2.94 -15.64 -19.80
CA GLU A 385 2.14 -14.43 -19.71
C GLU A 385 0.87 -14.72 -18.95
N ALA A 386 0.26 -15.86 -19.24
CA ALA A 386 -0.98 -16.24 -18.54
C ALA A 386 -0.79 -16.34 -17.03
N LEU A 387 0.32 -16.91 -16.56
CA LEU A 387 0.56 -16.94 -15.14
C LEU A 387 0.66 -15.52 -14.49
N GLY A 388 1.41 -14.59 -15.09
CA GLY A 388 1.42 -13.17 -14.59
C GLY A 388 0.03 -12.57 -14.51
N ASP A 389 -0.77 -12.77 -15.57
CA ASP A 389 -2.13 -12.21 -15.57
C ASP A 389 -3.02 -12.79 -14.49
N VAL A 390 -2.94 -14.10 -14.32
CA VAL A 390 -3.69 -14.79 -13.33
C VAL A 390 -3.42 -14.16 -11.97
N VAL A 391 -2.14 -14.01 -11.65
CA VAL A 391 -1.72 -13.60 -10.32
C VAL A 391 -2.15 -12.15 -10.11
N GLY A 392 -2.03 -11.34 -11.17
CA GLY A 392 -2.30 -9.92 -11.06
C GLY A 392 -3.81 -9.60 -11.03
N ASP A 393 -4.60 -10.34 -11.84
CA ASP A 393 -6.02 -10.10 -11.95
C ASP A 393 -6.71 -10.54 -10.66
N TYR A 394 -6.40 -11.72 -10.16
CA TYR A 394 -6.97 -12.18 -8.88
C TYR A 394 -6.56 -11.30 -7.70
N ASN A 395 -5.31 -11.01 -7.57
CA ASN A 395 -4.83 -10.31 -6.36
C ASN A 395 -4.94 -8.76 -6.33
N PHE A 396 -5.04 -8.10 -7.50
CA PHE A 396 -4.94 -6.66 -7.53
C PHE A 396 -6.05 -6.02 -8.38
N ILE A 397 -6.16 -6.41 -9.66
CA ILE A 397 -6.92 -5.63 -10.61
C ILE A 397 -8.40 -5.82 -10.42
N CYS A 398 -8.90 -7.06 -10.38
CA CYS A 398 -10.33 -7.28 -10.21
C CYS A 398 -10.85 -6.80 -8.80
N PRO A 399 -10.09 -7.04 -7.69
CA PRO A 399 -10.56 -6.43 -6.43
C PRO A 399 -10.59 -4.88 -6.52
N ALA A 400 -9.60 -4.24 -7.18
CA ALA A 400 -9.64 -2.73 -7.31
C ALA A 400 -10.85 -2.28 -8.07
N LEU A 401 -11.12 -2.96 -9.19
CA LEU A 401 -12.27 -2.54 -10.02
C LEU A 401 -13.60 -2.82 -9.27
N GLU A 402 -13.68 -3.92 -8.53
CA GLU A 402 -14.87 -4.22 -7.76
C GLU A 402 -15.15 -3.23 -6.58
N PHE A 403 -14.12 -2.88 -5.81
CA PHE A 403 -14.25 -1.84 -4.82
C PHE A 403 -14.74 -0.50 -5.48
N THR A 404 -14.17 -0.11 -6.60
CA THR A 404 -14.60 1.12 -7.26
C THR A 404 -16.08 1.05 -7.71
N LYS A 405 -16.54 -0.04 -8.32
CA LYS A 405 -17.97 -0.12 -8.67
C LYS A 405 -18.82 0.03 -7.43
N LYS A 406 -18.52 -0.77 -6.41
CA LYS A 406 -19.39 -0.78 -5.21
C LYS A 406 -19.36 0.60 -4.51
N PHE A 407 -18.18 1.20 -4.44
CA PHE A 407 -18.12 2.49 -3.79
C PHE A 407 -18.94 3.55 -4.54
N SER A 408 -18.89 3.49 -5.86
CA SER A 408 -19.47 4.53 -6.66
C SER A 408 -21.02 4.40 -6.72
N GLU A 409 -21.54 3.20 -6.51
CA GLU A 409 -23.00 2.95 -6.52
C GLU A 409 -23.76 3.71 -5.44
N TRP A 410 -23.08 4.25 -4.44
CA TRP A 410 -23.72 5.00 -3.39
C TRP A 410 -23.57 6.46 -3.62
N GLY A 411 -23.25 6.90 -4.85
CA GLY A 411 -23.42 8.31 -5.12
C GLY A 411 -22.18 9.15 -5.24
N ASN A 412 -21.00 8.65 -4.87
CA ASN A 412 -19.87 9.56 -4.93
CA ASN A 412 -19.76 9.36 -4.86
C ASN A 412 -19.05 9.39 -6.23
N ASN A 413 -18.42 10.49 -6.60
CA ASN A 413 -17.53 10.48 -7.73
C ASN A 413 -16.27 9.56 -7.53
N ALA A 414 -15.93 8.79 -8.57
CA ALA A 414 -14.74 7.98 -8.48
C ALA A 414 -14.00 8.07 -9.79
N PHE A 415 -12.68 7.97 -9.71
CA PHE A 415 -11.85 8.01 -10.88
C PHE A 415 -10.90 6.84 -10.91
N PHE A 416 -10.77 6.21 -12.09
CA PHE A 416 -9.99 4.97 -12.17
C PHE A 416 -8.96 5.13 -13.30
N TYR A 417 -7.71 4.72 -13.03
CA TYR A 417 -6.57 4.79 -14.00
C TYR A 417 -5.93 3.40 -14.22
N TYR A 418 -5.31 3.26 -15.38
CA TYR A 418 -4.55 2.05 -15.72
C TYR A 418 -3.18 2.51 -16.19
N PHE A 419 -2.16 2.27 -15.35
CA PHE A 419 -0.79 2.74 -15.57
C PHE A 419 -0.02 1.73 -16.44
N GLU A 420 0.39 2.19 -17.63
CA GLU A 420 1.05 1.28 -18.58
C GLU A 420 2.41 1.75 -19.06
N HIS A 421 3.13 2.54 -18.26
CA HIS A 421 4.46 2.89 -18.64
C HIS A 421 5.50 2.13 -17.85
N ARG A 422 6.41 1.48 -18.55
CA ARG A 422 7.55 0.81 -17.92
C ARG A 422 8.79 1.73 -17.79
N SER A 423 9.19 2.04 -16.56
CA SER A 423 10.34 2.91 -16.27
C SER A 423 11.55 2.55 -17.19
N SER A 424 12.17 3.55 -17.83
CA SER A 424 13.40 3.31 -18.61
C SER A 424 14.57 2.83 -17.74
N LYS A 425 14.56 3.12 -16.44
CA LYS A 425 15.63 2.65 -15.59
C LYS A 425 15.27 1.30 -14.85
N LEU A 426 14.24 0.58 -15.26
CA LEU A 426 13.80 -0.59 -14.48
C LEU A 426 14.93 -1.65 -14.47
N PRO A 427 15.45 -2.02 -13.27
CA PRO A 427 16.51 -3.08 -13.20
C PRO A 427 15.96 -4.48 -13.45
N TRP A 428 14.66 -4.70 -13.33
CA TRP A 428 14.09 -6.03 -13.66
C TRP A 428 14.06 -6.31 -15.19
N PRO A 429 14.00 -7.56 -15.60
CA PRO A 429 13.96 -7.77 -17.08
C PRO A 429 12.64 -7.39 -17.79
N GLU A 430 12.74 -7.32 -19.10
CA GLU A 430 11.69 -6.86 -20.02
CA GLU A 430 11.68 -6.84 -19.98
C GLU A 430 10.40 -7.66 -19.91
N TRP A 431 10.53 -8.98 -19.84
CA TRP A 431 9.35 -9.83 -19.79
C TRP A 431 8.40 -9.46 -18.62
N MET A 432 8.94 -8.86 -17.57
CA MET A 432 8.11 -8.56 -16.40
C MET A 432 7.25 -7.32 -16.61
N GLY A 433 7.53 -6.55 -17.65
CA GLY A 433 6.67 -5.45 -18.10
C GLY A 433 6.48 -4.27 -17.17
N VAL A 434 5.21 -3.82 -16.98
CA VAL A 434 4.90 -2.64 -16.16
C VAL A 434 4.53 -3.08 -14.75
N MET A 435 5.56 -3.17 -13.94
CA MET A 435 5.48 -4.00 -12.74
C MET A 435 4.72 -3.34 -11.61
N HIS A 436 4.28 -4.18 -10.68
CA HIS A 436 3.71 -3.75 -9.40
C HIS A 436 4.77 -2.91 -8.66
N GLY A 437 4.40 -1.70 -8.21
CA GLY A 437 5.26 -0.78 -7.39
C GLY A 437 5.93 0.28 -8.24
N TYR A 438 5.83 0.20 -9.55
CA TYR A 438 6.74 1.05 -10.34
C TYR A 438 6.00 2.23 -10.95
N GLU A 439 4.80 2.57 -10.41
CA GLU A 439 4.20 3.88 -10.62
C GLU A 439 4.59 4.86 -9.52
N ILE A 440 5.00 4.32 -8.36
CA ILE A 440 5.23 5.16 -7.21
C ILE A 440 6.21 6.29 -7.49
N GLU A 441 7.32 5.97 -8.14
CA GLU A 441 8.32 6.96 -8.39
C GLU A 441 7.76 8.03 -9.36
N PHE A 442 6.73 7.71 -10.17
CA PHE A 442 6.08 8.77 -11.03
C PHE A 442 5.20 9.72 -10.21
N VAL A 443 4.42 9.11 -9.32
CA VAL A 443 3.55 9.86 -8.43
C VAL A 443 4.35 10.84 -7.52
N PHE A 444 5.56 10.41 -7.06
CA PHE A 444 6.39 11.21 -6.13
C PHE A 444 7.30 12.20 -6.87
N GLY A 445 7.30 12.09 -8.22
CA GLY A 445 8.01 13.10 -9.04
C GLY A 445 9.52 12.91 -9.14
N LEU A 446 10.01 11.68 -8.92
CA LEU A 446 11.43 11.43 -9.14
C LEU A 446 11.93 11.82 -10.55
N PRO A 447 11.13 11.52 -11.59
CA PRO A 447 11.64 11.89 -12.92
C PRO A 447 11.62 13.37 -13.19
N LEU A 448 11.11 14.17 -12.26
CA LEU A 448 11.29 15.65 -12.45
C LEU A 448 12.75 16.07 -12.24
N GLU A 449 13.51 15.27 -11.48
CA GLU A 449 14.93 15.55 -11.34
C GLU A 449 15.68 15.14 -12.63
N ARG A 450 15.91 16.14 -13.46
CA ARG A 450 16.72 16.05 -14.71
C ARG A 450 18.09 15.35 -14.57
N ARG A 451 18.75 15.47 -13.43
CA ARG A 451 20.03 14.73 -13.21
C ARG A 451 19.91 13.19 -13.17
N ASP A 452 18.69 12.66 -13.22
CA ASP A 452 18.49 11.28 -12.81
C ASP A 452 18.44 10.18 -13.89
N GLN A 453 18.71 10.52 -15.15
CA GLN A 453 18.74 9.52 -16.25
C GLN A 453 17.36 8.89 -16.57
N TYR A 454 16.25 9.61 -16.33
CA TYR A 454 14.93 9.26 -16.91
C TYR A 454 14.82 10.08 -18.21
N THR A 455 13.93 9.67 -19.14
CA THR A 455 13.87 10.34 -20.47
C THR A 455 13.07 11.66 -20.36
N LYS A 456 13.10 12.49 -21.39
CA LYS A 456 12.22 13.64 -21.46
C LYS A 456 10.71 13.25 -21.34
N ALA A 457 10.31 12.16 -21.97
CA ALA A 457 8.90 11.83 -21.98
C ALA A 457 8.52 11.39 -20.58
N GLU A 458 9.46 10.85 -19.83
CA GLU A 458 9.13 10.42 -18.48
C GLU A 458 8.96 11.62 -17.57
N GLU A 459 9.82 12.61 -17.73
CA GLU A 459 9.65 13.88 -17.04
C GLU A 459 8.23 14.47 -17.18
N ILE A 460 7.73 14.48 -18.40
CA ILE A 460 6.41 15.04 -18.73
C ILE A 460 5.20 14.23 -18.15
N LEU A 461 5.30 12.89 -18.25
CA LEU A 461 4.34 12.00 -17.63
C LEU A 461 4.27 12.23 -16.11
N SER A 462 5.43 12.33 -15.47
CA SER A 462 5.45 12.50 -13.98
C SER A 462 4.83 13.85 -13.58
N ARG A 463 5.17 14.88 -14.34
CA ARG A 463 4.64 16.23 -14.13
C ARG A 463 3.11 16.23 -14.29
N SER A 464 2.60 15.49 -15.25
CA SER A 464 1.18 15.50 -15.47
C SER A 464 0.43 14.71 -14.30
N ILE A 465 1.00 13.57 -13.88
CA ILE A 465 0.47 12.73 -12.80
C ILE A 465 0.48 13.52 -11.46
N VAL A 466 1.61 14.15 -11.19
CA VAL A 466 1.74 14.95 -9.98
C VAL A 466 0.69 16.07 -9.95
N LYS A 467 0.46 16.73 -11.07
CA LYS A 467 -0.60 17.72 -11.17
C LYS A 467 -1.99 17.10 -10.92
N ARG A 468 -2.28 15.96 -11.55
CA ARG A 468 -3.61 15.34 -11.43
C ARG A 468 -3.90 14.87 -9.96
N TRP A 469 -2.92 14.25 -9.31
CA TRP A 469 -3.02 13.86 -7.90
C TRP A 469 -3.21 15.06 -7.02
N ALA A 470 -2.50 16.17 -7.33
CA ALA A 470 -2.57 17.37 -6.51
C ALA A 470 -3.95 18.02 -6.68
N ASN A 471 -4.40 18.15 -7.92
CA ASN A 471 -5.73 18.69 -8.14
C ASN A 471 -6.80 17.80 -7.51
N PHE A 472 -6.62 16.47 -7.57
CA PHE A 472 -7.54 15.61 -6.85
C PHE A 472 -7.55 15.96 -5.35
N ALA A 473 -6.39 16.04 -4.70
CA ALA A 473 -6.36 16.33 -3.24
C ALA A 473 -6.97 17.69 -2.91
N LYS A 474 -6.62 18.71 -3.68
CA LYS A 474 -7.16 20.04 -3.40
C LYS A 474 -8.66 20.23 -3.75
N TYR A 475 -9.09 19.66 -4.88
CA TYR A 475 -10.36 20.05 -5.50
C TYR A 475 -11.29 18.87 -5.76
N GLY A 476 -10.85 17.66 -5.42
CA GLY A 476 -11.57 16.46 -5.76
C GLY A 476 -11.75 16.06 -7.23
N ASN A 477 -10.91 16.51 -8.14
CA ASN A 477 -11.17 16.29 -9.55
C ASN A 477 -9.79 16.18 -10.23
N PRO A 478 -9.39 14.96 -10.69
CA PRO A 478 -7.95 14.77 -11.03
C PRO A 478 -7.63 15.26 -12.46
N GLN A 479 -7.97 16.52 -12.76
CA GLN A 479 -7.80 17.07 -14.11
C GLN A 479 -6.44 17.75 -14.18
N GLU A 480 -5.87 17.82 -15.39
CA GLU A 480 -4.72 18.72 -15.70
C GLU A 480 -5.39 19.71 -16.68
N THR A 481 -5.60 20.95 -16.25
CA THR A 481 -6.53 21.83 -17.02
C THR A 481 -5.85 22.78 -18.03
N GLN A 482 -4.51 22.86 -18.03
CA GLN A 482 -3.81 23.92 -18.79
C GLN A 482 -3.19 23.44 -20.12
N ASN A 483 -2.84 22.17 -20.22
CA ASN A 483 -2.06 21.76 -21.39
C ASN A 483 -2.83 20.85 -22.40
N ASN A 484 -4.03 21.26 -22.77
CA ASN A 484 -4.89 20.47 -23.71
C ASN A 484 -4.93 18.99 -23.37
N SER A 485 -5.14 18.67 -22.10
CA SER A 485 -5.13 17.26 -21.71
C SER A 485 -6.49 16.61 -21.83
N THR A 486 -6.48 15.29 -21.95
CA THR A 486 -7.65 14.43 -21.95
C THR A 486 -8.34 14.59 -20.58
N SER A 487 -9.65 14.90 -20.57
CA SER A 487 -10.40 14.88 -19.30
C SER A 487 -10.59 13.46 -18.75
N TRP A 488 -10.43 13.35 -17.44
CA TRP A 488 -10.55 12.09 -16.75
C TRP A 488 -12.05 12.07 -16.34
N PRO A 489 -12.85 11.19 -16.94
CA PRO A 489 -14.28 11.07 -16.62
C PRO A 489 -14.52 10.27 -15.34
N VAL A 490 -15.62 10.54 -14.63
CA VAL A 490 -15.94 9.73 -13.50
C VAL A 490 -16.28 8.27 -13.94
N PHE A 491 -15.86 7.37 -13.09
CA PHE A 491 -16.16 5.95 -13.19
C PHE A 491 -17.52 5.68 -12.58
N LYS A 492 -18.42 5.16 -13.39
CA LYS A 492 -19.78 4.91 -12.98
C LYS A 492 -20.02 3.43 -13.26
N SER A 493 -20.75 2.75 -12.39
CA SER A 493 -21.22 1.45 -12.81
C SER A 493 -22.11 1.67 -14.02
N THR A 494 -22.28 0.67 -14.84
CA THR A 494 -22.77 0.90 -16.20
C THR A 494 -21.59 1.20 -17.16
N GLU A 495 -21.10 2.43 -17.29
CA GLU A 495 -20.11 2.68 -18.34
C GLU A 495 -18.68 2.21 -18.01
N GLN A 496 -18.30 2.42 -16.77
CA GLN A 496 -17.02 1.99 -16.25
C GLN A 496 -15.83 2.56 -17.04
N LYS A 497 -15.84 3.84 -17.29
CA LYS A 497 -14.71 4.49 -17.98
C LYS A 497 -13.52 4.62 -17.07
N TYR A 498 -12.33 4.48 -17.68
CA TYR A 498 -11.04 4.70 -17.02
C TYR A 498 -10.07 5.43 -17.93
N LEU A 499 -9.03 5.98 -17.32
CA LEU A 499 -8.01 6.73 -18.01
C LEU A 499 -6.66 5.95 -18.06
N THR A 500 -6.04 5.81 -19.24
CA THR A 500 -4.74 5.16 -19.35
C THR A 500 -3.61 6.18 -19.16
N LEU A 501 -2.54 5.76 -18.49
CA LEU A 501 -1.46 6.68 -18.20
C LEU A 501 -0.25 6.12 -18.87
N ASN A 502 0.26 6.86 -19.80
CA ASN A 502 1.40 6.45 -20.55
C ASN A 502 2.05 7.68 -21.19
N THR A 503 3.13 7.43 -21.87
CA THR A 503 4.01 8.43 -22.35
C THR A 503 3.50 8.92 -23.72
N GLU A 504 2.98 8.00 -24.53
CA GLU A 504 2.49 8.32 -25.88
CA GLU A 504 2.53 8.40 -25.86
C GLU A 504 1.13 9.05 -25.86
N SER A 505 0.05 8.29 -25.67
CA SER A 505 -1.25 8.94 -25.69
C SER A 505 -2.14 8.46 -24.58
N THR A 506 -2.72 9.42 -23.90
CA THR A 506 -3.67 9.23 -22.87
C THR A 506 -5.07 8.89 -23.41
N ARG A 507 -5.67 7.77 -22.97
CA ARG A 507 -6.96 7.38 -23.52
C ARG A 507 -8.07 7.11 -22.56
N ILE A 508 -9.30 7.42 -23.01
CA ILE A 508 -10.47 6.97 -22.29
CA ILE A 508 -10.49 7.00 -22.29
C ILE A 508 -10.94 5.65 -22.88
N MET A 509 -10.98 4.61 -22.01
CA MET A 509 -11.33 3.22 -22.33
CA MET A 509 -11.36 3.23 -22.37
C MET A 509 -12.45 2.76 -21.39
N THR A 510 -13.07 1.64 -21.68
CA THR A 510 -14.23 1.12 -20.89
C THR A 510 -14.06 -0.34 -20.48
N LYS A 511 -14.49 -0.67 -19.25
CA LYS A 511 -14.64 -2.05 -18.80
C LYS A 511 -13.35 -2.85 -18.82
N LEU A 512 -12.36 -2.36 -18.07
CA LEU A 512 -11.07 -3.05 -17.90
C LEU A 512 -11.26 -4.55 -17.54
N ARG A 513 -10.61 -5.46 -18.27
CA ARG A 513 -10.52 -6.86 -17.88
C ARG A 513 -11.91 -7.47 -17.68
N ALA A 514 -12.87 -7.04 -18.47
CA ALA A 514 -14.25 -7.37 -18.22
C ALA A 514 -14.44 -8.88 -18.11
N GLN A 515 -13.89 -9.64 -19.06
CA GLN A 515 -14.10 -11.12 -19.02
C GLN A 515 -13.37 -11.79 -17.87
N GLN A 516 -12.18 -11.31 -17.55
CA GLN A 516 -11.39 -11.91 -16.51
C GLN A 516 -11.98 -11.69 -15.13
N CYS A 517 -12.47 -10.48 -14.89
CA CYS A 517 -13.04 -10.11 -13.57
C CYS A 517 -14.37 -10.78 -13.33
N ARG A 518 -15.16 -10.99 -14.42
CA ARG A 518 -16.41 -11.78 -14.29
C ARG A 518 -16.05 -13.16 -13.76
N PHE A 519 -14.93 -13.69 -14.25
CA PHE A 519 -14.45 -14.97 -13.72
C PHE A 519 -14.03 -14.83 -12.23
N TRP A 520 -13.22 -13.82 -11.89
CA TRP A 520 -12.69 -13.83 -10.52
C TRP A 520 -13.76 -13.47 -9.48
N THR A 521 -14.65 -12.58 -9.93
CA THR A 521 -15.59 -11.93 -9.06
C THR A 521 -16.87 -12.70 -8.82
N SER A 522 -17.38 -13.43 -9.82
CA SER A 522 -18.71 -14.07 -9.76
C SER A 522 -18.63 -15.55 -9.79
N PHE A 523 -17.53 -16.08 -10.27
CA PHE A 523 -17.44 -17.50 -10.18
C PHE A 523 -16.41 -18.02 -9.14
N PHE A 524 -15.18 -17.50 -9.22
CA PHE A 524 -14.12 -18.11 -8.40
C PHE A 524 -14.44 -18.21 -6.89
N PRO A 525 -15.13 -17.20 -6.32
CA PRO A 525 -15.46 -17.22 -4.88
C PRO A 525 -16.29 -18.40 -4.43
N LYS A 526 -17.09 -18.98 -5.34
CA LYS A 526 -17.89 -20.18 -5.02
C LYS A 526 -17.04 -21.44 -4.84
N VAL A 527 -16.02 -21.54 -5.69
CA VAL A 527 -15.12 -22.68 -5.83
C VAL A 527 -14.61 -23.39 -4.54
C1 NAG B . 15.65 -19.90 -16.53
C2 NAG B . 15.68 -21.26 -17.25
C3 NAG B . 15.02 -22.32 -16.39
C4 NAG B . 15.62 -22.35 -14.99
C5 NAG B . 15.48 -20.95 -14.43
C6 NAG B . 15.85 -20.79 -12.94
C7 NAG B . 15.29 -20.60 -19.64
C8 NAG B . 16.73 -20.35 -20.01
N2 NAG B . 14.90 -21.04 -18.43
O3 NAG B . 15.20 -23.57 -17.02
O4 NAG B . 14.85 -23.13 -14.11
O5 NAG B . 16.18 -20.04 -15.25
O6 NAG B . 16.71 -21.75 -12.32
O7 NAG B . 14.45 -20.43 -20.51
C1 NAG B . 15.56 -24.27 -13.67
C2 NAG B . 14.85 -24.90 -12.47
C3 NAG B . 15.48 -26.26 -12.16
C4 NAG B . 16.18 -27.01 -13.31
C5 NAG B . 16.54 -26.17 -14.53
C6 NAG B . 16.68 -27.09 -15.75
C7 NAG B . 13.74 -23.50 -10.71
C8 NAG B . 13.89 -22.71 -9.44
N2 NAG B . 14.85 -24.09 -11.26
O3 NAG B . 14.50 -27.13 -11.63
O4 NAG B . 17.39 -27.58 -12.85
O5 NAG B . 15.56 -25.18 -14.74
O6 NAG B . 18.06 -27.21 -16.00
O7 NAG B . 12.62 -23.54 -11.20
C1 FUL B . 18.08 -21.48 -12.70
C2 FUL B . 19.25 -22.13 -11.95
O2 FUL B . 18.95 -23.47 -11.61
C3 FUL B . 20.45 -22.06 -12.92
O3 FUL B . 21.57 -21.53 -12.26
C4 FUL B . 20.19 -21.21 -14.20
O4 FUL B . 21.40 -20.76 -14.75
C5 FUL B . 19.13 -20.06 -14.06
C6 FUL B . 19.53 -18.61 -14.42
O5 FUL B . 18.50 -20.13 -12.79
C1 NAG C . -3.27 -24.33 11.45
C2 NAG C . -3.79 -24.92 10.12
C3 NAG C . -3.78 -26.46 10.18
C4 NAG C . -2.44 -26.92 10.76
C5 NAG C . -2.43 -26.49 12.24
C6 NAG C . -1.06 -26.19 12.86
C7 NAG C . -5.40 -23.96 8.40
C8 NAG C . -4.48 -24.18 7.24
N2 NAG C . -5.07 -24.32 9.67
O3 NAG C . -4.00 -27.04 8.91
O4 NAG C . -2.21 -28.33 10.55
O5 NAG C . -3.26 -25.34 12.46
O6 NAG C . -0.05 -27.14 12.57
O7 NAG C . -6.48 -23.45 8.15
C1 NAG C . -1.51 -28.66 9.30
C2 NAG C . -0.06 -29.16 9.57
C3 NAG C . -0.11 -30.58 10.14
C4 NAG C . -0.86 -31.51 9.15
C5 NAG C . -1.62 -30.77 8.01
C6 NAG C . -2.66 -31.66 7.27
C7 NAG C . 2.10 -29.19 8.18
C8 NAG C . 2.64 -29.00 6.78
N2 NAG C . 0.76 -29.03 8.35
O3 NAG C . -0.72 -30.58 11.43
O4 NAG C . 0.09 -32.43 8.60
O5 NAG C . -2.26 -29.55 8.46
O6 NAG C . -2.09 -32.65 6.41
O7 NAG C . 2.90 -29.48 9.09
C1 FUL C . 1.18 -26.40 12.49
C2 FUL C . 1.99 -26.54 11.21
O2 FUL C . 1.12 -26.77 10.13
C3 FUL C . 2.69 -25.19 11.01
O3 FUL C . 3.66 -25.31 9.97
C4 FUL C . 3.28 -24.62 12.33
O4 FUL C . 4.64 -24.98 12.41
C5 FUL C . 2.53 -25.03 13.62
C6 FUL C . 3.23 -24.68 14.94
O5 FUL C . 2.08 -26.39 13.59
K K D . -3.27 -5.10 -21.42
S SO4 E . -8.61 -5.91 -21.00
O1 SO4 E . -8.47 -5.96 -19.52
O2 SO4 E . -7.54 -5.03 -21.53
O3 SO4 E . -8.41 -7.29 -21.58
O4 SO4 E . -9.95 -5.29 -21.32
C1 GOL F . -8.90 1.68 23.67
O1 GOL F . -9.17 0.44 24.28
C2 GOL F . -7.72 2.45 24.29
O2 GOL F . -6.71 1.61 24.84
C3 GOL F . -7.13 3.36 23.21
O3 GOL F . -5.74 3.63 23.43
C1 GOL G . 15.68 13.25 2.73
O1 GOL G . 17.06 13.53 2.90
C2 GOL G . 15.03 14.50 2.15
O2 GOL G . 13.69 14.39 1.71
C3 GOL G . 15.97 14.83 1.01
O3 GOL G . 16.31 13.59 0.48
CL CL H . -19.58 13.80 -5.06
O1 FP1 I . 7.30 -4.79 -6.91
N2 FP1 I . 6.79 -4.25 -5.64
C6 FP1 I . 7.50 -4.39 -4.51
C5 FP1 I . 6.85 -3.87 -3.41
C4 FP1 I . 5.95 -2.85 -3.61
C3 FP1 I . 5.26 -2.28 -2.55
C2 FP1 I . 5.50 -2.76 -1.27
C1 FP1 I . 6.39 -3.80 -1.11
N1 FP1 I . 7.09 -4.37 -2.18
C7 FP1 I . 8.11 -5.53 -1.93
CL CL J . -3.35 -31.58 -19.66
CL CL K . -18.44 -0.05 -24.14
K K L . -17.84 -22.89 -13.91
S SO4 M . -17.64 -17.22 -16.56
O1 SO4 M . -18.29 -17.28 -15.24
O2 SO4 M . -16.97 -15.92 -16.65
O3 SO4 M . -16.63 -18.28 -16.77
O4 SO4 M . -18.66 -17.38 -17.62
C1 GOL N . -3.21 -15.44 3.33
O1 GOL N . -2.03 -14.77 2.87
C2 GOL N . -4.28 -14.44 3.76
O2 GOL N . -5.52 -15.06 3.78
C3 GOL N . -4.00 -13.95 5.16
O3 GOL N . -3.94 -12.53 5.21
C1 NAG O . -8.33 27.12 5.68
C2 NAG O . -8.70 28.27 6.69
C3 NAG O . -9.92 27.86 7.53
C4 NAG O . -11.11 27.53 6.62
C5 NAG O . -10.66 26.37 5.67
C6 NAG O . -11.72 25.81 4.70
C7 NAG O . -6.63 29.54 7.41
C8 NAG O . -6.59 30.46 6.21
N2 NAG O . -7.58 28.60 7.58
O3 NAG O . -10.25 28.80 8.54
O4 NAG O . -12.30 27.29 7.42
O5 NAG O . -9.48 26.74 4.92
O6 NAG O . -11.24 24.75 3.87
O7 NAG O . -5.76 29.67 8.29
C1 NAG P . 20.09 19.87 17.58
C2 NAG P . 20.88 19.62 18.86
C3 NAG P . 21.34 20.97 19.44
C4 NAG P . 22.34 21.60 18.47
C5 NAG P . 21.89 21.55 16.99
C6 NAG P . 23.23 21.65 16.19
C7 NAG P . 20.69 17.58 20.30
C8 NAG P . 22.02 17.05 19.79
N2 NAG P . 20.20 18.75 19.85
O3 NAG P . 21.98 20.79 20.68
O4 NAG P . 22.65 22.93 18.86
O5 NAG P . 21.05 20.41 16.62
O6 NAG P . 23.06 21.60 14.79
O7 NAG P . 20.06 16.94 21.13
C1 NAG Q . 2.48 22.59 -19.33
C2 NAG Q . 3.17 21.53 -18.47
C3 NAG Q . 4.66 21.85 -18.24
C4 NAG Q . 5.43 22.13 -19.56
C5 NAG Q . 4.66 22.98 -20.62
C6 NAG Q . 4.70 22.31 -22.01
C7 NAG Q . 1.95 20.28 -16.69
C8 NAG Q . 1.31 20.38 -15.35
N2 NAG Q . 2.49 21.41 -17.18
O3 NAG Q . 5.28 20.75 -17.61
O4 NAG Q . 6.71 22.68 -19.26
O5 NAG Q . 3.33 23.37 -20.22
O6 NAG Q . 4.29 23.15 -23.08
O7 NAG Q . 1.93 19.17 -17.27
C1 NAG R . -5.53 -15.45 33.55
C2 NAG R . -6.87 -15.22 34.28
C3 NAG R . -7.18 -13.72 34.48
C4 NAG R . -5.94 -12.92 34.92
C5 NAG R . -4.80 -13.23 33.96
C6 NAG R . -3.58 -12.29 34.05
C7 NAG R . -8.13 -17.29 33.72
C8 NAG R . -9.32 -17.88 33.00
N2 NAG R . -7.96 -15.95 33.65
O3 NAG R . -8.22 -13.52 35.43
O4 NAG R . -6.18 -11.52 35.05
O5 NAG R . -4.51 -14.61 34.11
O6 NAG R . -2.78 -12.46 35.20
O7 NAG R . -7.36 -18.05 34.33
#